data_1PV5
#
_entry.id   1PV5
#
_cell.length_a   38.801
_cell.length_b   88.293
_cell.length_c   40.103
_cell.angle_alpha   90.00
_cell.angle_beta   103.08
_cell.angle_gamma   90.00
#
_symmetry.space_group_name_H-M   'P 1 21 1'
#
loop_
_entity.id
_entity.type
_entity.pdbx_description
1 polymer 'Hypothetical protein ywqG'
2 water water
#
_entity_poly.entity_id   1
_entity_poly.type   'polypeptide(L)'
_entity_poly.pdbx_seq_one_letter_code
;SNA(MSE)NHLPEK(MSE)RPYRDLLEKSAKEYVKLNVRKGKTGRYDSKIAGDPYFPKHETYPTDENGQP(MSE)KLLAQ
INFSHIPQLDGYPSSGILQFYISVHDDVYGLNFDDRCEQKNFRVIYFENIVENDDELVSDFSFIGTGECDFPILSEAAVE
PVKSSEWVLPTDFQFEQYTG(MSE)ET(MSE)EFFGQFGEDEEDIYNELAENGFGHKIGGYASFTQHDPREYAYKEHTI
(MSE)LLQIDSDDDIDS(MSE)WGDVGIANFFITPEDLRKKDFSNVLYNWDCS
;
_entity_poly.pdbx_strand_id   A
#
# COMPACT_ATOMS: atom_id res chain seq x y z
N MSE A 4 13.88 20.84 13.10
CA MSE A 4 14.42 20.33 11.80
C MSE A 4 14.49 18.81 11.72
O MSE A 4 15.06 18.16 12.61
CB MSE A 4 15.83 20.84 11.55
CG MSE A 4 15.96 22.29 11.22
SE MSE A 4 17.76 22.58 10.60
CE MSE A 4 17.41 22.80 8.72
N ASN A 5 13.93 18.24 10.66
CA ASN A 5 14.04 16.80 10.48
C ASN A 5 15.51 16.65 10.06
N HIS A 6 16.19 15.68 10.64
CA HIS A 6 17.60 15.48 10.36
C HIS A 6 17.92 15.06 8.92
N LEU A 7 19.07 15.52 8.45
CA LEU A 7 19.61 15.18 7.14
C LEU A 7 21.10 14.96 7.31
N PRO A 8 21.65 13.91 6.68
CA PRO A 8 23.09 13.71 6.83
C PRO A 8 23.74 14.94 6.19
N GLU A 9 24.92 15.30 6.69
CA GLU A 9 25.61 16.50 6.23
C GLU A 9 25.63 16.82 4.75
N LYS A 10 26.11 15.89 3.92
CA LYS A 10 26.20 16.15 2.49
C LYS A 10 24.86 16.30 1.79
N MSE A 11 23.78 15.91 2.46
CA MSE A 11 22.46 16.04 1.87
C MSE A 11 21.81 17.39 2.20
O MSE A 11 20.83 17.79 1.58
CB MSE A 11 21.55 14.92 2.39
CG MSE A 11 20.44 14.60 1.46
SE MSE A 11 21.06 13.80 -0.21
CE MSE A 11 19.29 13.45 -0.94
N ARG A 12 22.38 18.12 3.16
CA ARG A 12 21.78 19.39 3.54
C ARG A 12 21.60 20.41 2.43
N PRO A 13 22.51 20.47 1.44
CA PRO A 13 22.34 21.45 0.36
C PRO A 13 21.09 21.13 -0.48
N TYR A 14 20.56 19.92 -0.30
CA TYR A 14 19.37 19.51 -1.03
C TYR A 14 18.10 19.62 -0.20
N ARG A 15 18.19 20.22 0.98
CA ARG A 15 17.01 20.34 1.83
C ARG A 15 15.83 21.09 1.21
N ASP A 16 16.09 22.16 0.46
N ASP A 16 16.11 22.15 0.45
CA ASP A 16 15.00 22.91 -0.15
CA ASP A 16 15.04 22.92 -0.20
C ASP A 16 14.27 22.05 -1.19
C ASP A 16 14.27 22.04 -1.18
N LEU A 17 15.02 21.28 -1.97
CA LEU A 17 14.45 20.39 -2.97
C LEU A 17 13.59 19.31 -2.28
N LEU A 18 14.12 18.71 -1.22
CA LEU A 18 13.34 17.69 -0.53
C LEU A 18 12.06 18.28 0.05
N GLU A 19 12.16 19.50 0.60
N GLU A 19 12.14 19.50 0.61
CA GLU A 19 10.98 20.16 1.16
CA GLU A 19 10.94 20.12 1.17
C GLU A 19 9.92 20.37 0.08
C GLU A 19 9.91 20.36 0.08
N LYS A 20 10.34 20.77 -1.11
CA LYS A 20 9.39 20.99 -2.20
C LYS A 20 8.71 19.67 -2.58
N SER A 21 9.41 18.55 -2.42
CA SER A 21 8.87 17.24 -2.80
C SER A 21 7.92 16.64 -1.76
N ALA A 22 7.90 17.23 -0.56
CA ALA A 22 7.07 16.68 0.53
C ALA A 22 5.62 16.43 0.15
N LYS A 23 5.14 15.24 0.50
CA LYS A 23 3.77 14.84 0.23
C LYS A 23 3.08 14.51 1.54
N GLU A 24 1.84 14.97 1.68
CA GLU A 24 1.05 14.68 2.87
C GLU A 24 0.58 13.24 2.71
N TYR A 25 0.57 12.48 3.80
CA TYR A 25 0.11 11.10 3.74
C TYR A 25 -0.51 10.70 5.06
N VAL A 26 -1.02 9.48 5.12
CA VAL A 26 -1.65 8.98 6.34
C VAL A 26 -0.89 7.78 6.87
N LYS A 27 -0.25 7.93 8.03
CA LYS A 27 0.46 6.81 8.61
C LYS A 27 -0.60 5.94 9.27
N LEU A 28 -0.45 4.63 9.12
CA LEU A 28 -1.39 3.70 9.72
C LEU A 28 -0.75 2.98 10.89
N ASN A 29 -1.15 3.36 12.11
CA ASN A 29 -0.64 2.68 13.29
C ASN A 29 -1.60 1.48 13.42
N VAL A 30 -1.05 0.31 13.69
CA VAL A 30 -1.89 -0.87 13.79
C VAL A 30 -1.94 -1.47 15.19
N ARG A 31 -3.08 -2.09 15.50
N ARG A 31 -3.07 -2.09 15.49
CA ARG A 31 -3.30 -2.72 16.79
CA ARG A 31 -3.28 -2.72 16.80
C ARG A 31 -4.02 -4.04 16.61
C ARG A 31 -4.02 -4.04 16.61
N LYS A 32 -3.33 -5.13 16.95
CA LYS A 32 -3.89 -6.47 16.84
C LYS A 32 -5.25 -6.49 17.54
N GLY A 33 -6.26 -7.06 16.88
CA GLY A 33 -7.58 -7.10 17.49
C GLY A 33 -8.74 -7.14 16.52
N LYS A 34 -9.95 -7.33 17.07
CA LYS A 34 -11.18 -7.40 16.28
C LYS A 34 -11.63 -6.02 15.79
N THR A 35 -12.14 -5.97 14.55
CA THR A 35 -12.62 -4.72 13.97
C THR A 35 -14.05 -4.86 13.44
N GLY A 36 -14.75 -3.74 13.32
CA GLY A 36 -16.11 -3.75 12.83
C GLY A 36 -16.22 -3.97 11.32
N ARG A 37 -17.43 -4.31 10.87
CA ARG A 37 -17.71 -4.57 9.46
C ARG A 37 -17.33 -3.41 8.53
N TYR A 38 -17.56 -2.17 8.96
CA TYR A 38 -17.28 -1.02 8.13
C TYR A 38 -15.93 -0.33 8.39
N ASP A 39 -15.14 -0.86 9.31
CA ASP A 39 -13.88 -0.22 9.67
C ASP A 39 -12.68 -0.53 8.78
N SER A 40 -11.69 0.35 8.88
CA SER A 40 -10.44 0.15 8.16
C SER A 40 -9.79 -0.95 8.99
N LYS A 41 -9.13 -1.91 8.33
CA LYS A 41 -8.53 -3.02 9.02
C LYS A 41 -7.50 -3.72 8.14
N ILE A 42 -6.67 -4.53 8.78
CA ILE A 42 -5.68 -5.36 8.08
C ILE A 42 -6.18 -6.77 8.42
N ALA A 43 -6.25 -7.71 7.47
N ALA A 43 -6.49 -7.44 7.32
CA ALA A 43 -6.67 -9.12 7.74
CA ALA A 43 -7.05 -8.75 7.33
C ALA A 43 -7.72 -9.34 8.87
C ALA A 43 -8.42 -8.58 7.97
N GLY A 44 -8.92 -9.69 8.43
CA GLY A 44 -10.16 -9.81 9.19
C GLY A 44 -11.27 -9.93 8.15
N ASP A 45 -12.54 -9.71 8.53
CA ASP A 45 -13.65 -9.85 7.58
C ASP A 45 -14.05 -8.54 6.92
N PRO A 46 -14.34 -8.58 5.60
CA PRO A 46 -14.72 -7.39 4.85
C PRO A 46 -16.18 -7.04 4.89
N TYR A 47 -16.48 -5.83 4.47
CA TYR A 47 -17.87 -5.40 4.32
C TYR A 47 -18.21 -6.07 2.96
N PHE A 48 -19.33 -6.79 2.86
CA PHE A 48 -19.63 -7.38 1.56
C PHE A 48 -21.11 -7.68 1.38
N PRO A 49 -21.75 -7.04 0.39
CA PRO A 49 -23.18 -7.23 0.10
C PRO A 49 -23.45 -8.66 -0.41
N LYS A 50 -24.55 -9.25 0.06
CA LYS A 50 -24.93 -10.60 -0.34
C LYS A 50 -25.23 -10.69 -1.84
N HIS A 51 -25.66 -9.59 -2.45
CA HIS A 51 -25.99 -9.62 -3.88
C HIS A 51 -24.80 -9.52 -4.80
N GLU A 52 -23.62 -9.23 -4.24
CA GLU A 52 -22.42 -9.13 -5.06
C GLU A 52 -21.70 -10.46 -5.18
N THR A 53 -20.90 -10.61 -6.23
CA THR A 53 -20.13 -11.84 -6.45
C THR A 53 -18.80 -11.70 -5.70
N TYR A 54 -18.60 -12.55 -4.70
CA TYR A 54 -17.37 -12.53 -3.91
C TYR A 54 -16.17 -12.86 -4.82
N PRO A 55 -15.07 -12.09 -4.72
CA PRO A 55 -13.90 -12.35 -5.57
C PRO A 55 -13.28 -13.73 -5.49
N THR A 56 -13.00 -14.32 -6.65
CA THR A 56 -12.36 -15.62 -6.68
C THR A 56 -11.08 -15.53 -7.51
N ASP A 57 -10.11 -16.37 -7.21
CA ASP A 57 -8.84 -16.37 -7.93
C ASP A 57 -8.94 -17.13 -9.26
N GLU A 58 -7.80 -17.35 -9.91
CA GLU A 58 -7.83 -17.99 -11.23
C GLU A 58 -8.42 -19.39 -11.25
N ASN A 59 -8.43 -20.05 -10.10
CA ASN A 59 -8.99 -21.41 -10.03
C ASN A 59 -10.38 -21.40 -9.40
N GLY A 60 -10.96 -20.21 -9.29
CA GLY A 60 -12.30 -20.04 -8.77
C GLY A 60 -12.48 -20.21 -7.27
N GLN A 61 -11.39 -20.12 -6.52
CA GLN A 61 -11.43 -20.26 -5.06
C GLN A 61 -11.60 -18.87 -4.46
N PRO A 62 -12.43 -18.75 -3.40
CA PRO A 62 -12.63 -17.43 -2.79
C PRO A 62 -11.32 -16.83 -2.28
N MSE A 63 -11.18 -15.51 -2.44
CA MSE A 63 -9.97 -14.82 -1.97
C MSE A 63 -10.17 -14.39 -0.53
O MSE A 63 -11.25 -14.56 0.05
CB MSE A 63 -9.68 -13.57 -2.84
CG MSE A 63 -9.28 -13.85 -4.29
SE MSE A 63 -8.71 -12.17 -5.13
CE MSE A 63 -8.42 -12.84 -6.96
N LYS A 64 -9.13 -13.81 0.06
CA LYS A 64 -9.19 -13.36 1.44
C LYS A 64 -8.76 -11.89 1.49
N LEU A 65 -9.44 -11.13 2.34
CA LEU A 65 -9.17 -9.71 2.48
C LEU A 65 -7.80 -9.46 3.09
N LEU A 66 -7.01 -8.63 2.42
CA LEU A 66 -5.69 -8.26 2.89
C LEU A 66 -5.87 -7.04 3.80
N ALA A 67 -6.71 -6.13 3.31
CA ALA A 67 -7.04 -4.89 4.03
C ALA A 67 -8.23 -4.18 3.40
N GLN A 68 -8.86 -3.34 4.20
CA GLN A 68 -10.00 -2.54 3.76
C GLN A 68 -9.82 -1.15 4.38
N ILE A 69 -10.04 -0.13 3.57
CA ILE A 69 -9.93 1.27 4.01
C ILE A 69 -11.28 1.95 3.86
N ASN A 70 -11.77 2.54 4.94
CA ASN A 70 -13.04 3.26 4.85
C ASN A 70 -12.56 4.71 4.70
N PHE A 71 -12.77 5.31 3.55
CA PHE A 71 -12.29 6.68 3.33
C PHE A 71 -12.87 7.73 4.25
N SER A 72 -13.97 7.39 4.94
CA SER A 72 -14.57 8.33 5.88
C SER A 72 -13.87 8.27 7.23
N HIS A 73 -12.98 7.28 7.38
CA HIS A 73 -12.27 7.08 8.64
C HIS A 73 -10.79 7.46 8.62
N ILE A 74 -10.38 8.25 7.63
CA ILE A 74 -8.98 8.68 7.57
C ILE A 74 -8.89 10.16 7.20
N PRO A 75 -7.79 10.82 7.59
CA PRO A 75 -7.66 12.23 7.24
C PRO A 75 -7.87 12.36 5.74
N GLN A 76 -8.44 13.48 5.31
CA GLN A 76 -8.68 13.70 3.90
C GLN A 76 -7.38 14.05 3.17
N LEU A 77 -7.12 13.37 2.06
CA LEU A 77 -5.92 13.64 1.25
C LEU A 77 -6.39 14.18 -0.09
N ASP A 78 -5.68 15.16 -0.64
CA ASP A 78 -6.08 15.73 -1.93
C ASP A 78 -6.24 14.63 -2.96
N GLY A 79 -7.36 14.64 -3.69
CA GLY A 79 -7.57 13.65 -4.73
C GLY A 79 -8.22 12.33 -4.32
N TYR A 80 -8.16 11.99 -3.04
CA TYR A 80 -8.75 10.74 -2.57
C TYR A 80 -10.25 10.90 -2.34
N PRO A 81 -11.02 9.80 -2.46
CA PRO A 81 -12.47 9.87 -2.24
C PRO A 81 -12.75 10.33 -0.82
N SER A 82 -13.91 10.96 -0.60
CA SER A 82 -14.29 11.42 0.74
C SER A 82 -15.01 10.31 1.51
N SER A 83 -15.48 9.29 0.80
CA SER A 83 -16.17 8.18 1.45
C SER A 83 -16.07 6.93 0.60
N GLY A 84 -16.64 5.83 1.08
CA GLY A 84 -16.58 4.58 0.36
C GLY A 84 -15.58 3.68 1.06
N ILE A 85 -15.62 2.39 0.73
CA ILE A 85 -14.72 1.42 1.33
C ILE A 85 -13.93 0.78 0.21
N LEU A 86 -12.61 0.91 0.26
CA LEU A 86 -11.73 0.32 -0.75
C LEU A 86 -11.16 -0.96 -0.14
N GLN A 87 -11.21 -2.04 -0.92
CA GLN A 87 -10.76 -3.34 -0.44
C GLN A 87 -9.69 -4.00 -1.30
N PHE A 88 -8.75 -4.68 -0.65
CA PHE A 88 -7.67 -5.37 -1.36
C PHE A 88 -7.72 -6.85 -0.96
N TYR A 89 -7.86 -7.72 -1.96
CA TYR A 89 -7.93 -9.19 -1.75
C TYR A 89 -6.82 -9.96 -2.48
N ILE A 90 -6.44 -11.12 -1.94
CA ILE A 90 -5.49 -11.99 -2.63
C ILE A 90 -5.91 -13.48 -2.51
N SER A 91 -5.45 -14.31 -3.44
CA SER A 91 -5.70 -15.75 -3.43
C SER A 91 -4.94 -16.29 -2.22
N VAL A 92 -5.42 -17.36 -1.62
CA VAL A 92 -4.74 -17.94 -0.47
C VAL A 92 -4.01 -19.20 -0.92
N HIS A 93 -4.15 -19.53 -2.19
CA HIS A 93 -3.58 -20.77 -2.74
C HIS A 93 -2.38 -20.71 -3.67
N ASP A 94 -1.42 -19.79 -3.49
CA ASP A 94 -0.33 -19.78 -4.47
C ASP A 94 1.16 -19.55 -4.19
N ASP A 95 1.58 -19.44 -2.94
CA ASP A 95 3.02 -19.25 -2.66
C ASP A 95 3.65 -17.88 -3.05
N VAL A 96 2.87 -16.98 -3.63
CA VAL A 96 3.38 -15.64 -3.98
C VAL A 96 2.38 -14.55 -3.61
N TYR A 97 1.57 -14.81 -2.59
CA TYR A 97 0.58 -13.87 -2.09
C TYR A 97 -0.26 -13.27 -3.21
N GLY A 98 -0.45 -14.03 -4.28
CA GLY A 98 -1.29 -13.58 -5.38
C GLY A 98 -0.72 -12.54 -6.31
N LEU A 99 0.57 -12.26 -6.17
CA LEU A 99 1.24 -11.30 -7.02
C LEU A 99 1.19 -11.80 -8.45
N ASN A 100 0.88 -10.91 -9.41
CA ASN A 100 0.83 -11.33 -10.81
C ASN A 100 2.25 -11.12 -11.31
N PHE A 101 2.95 -12.23 -11.52
CA PHE A 101 4.33 -12.14 -11.99
C PHE A 101 4.46 -11.51 -13.37
N ASP A 102 3.40 -11.56 -14.18
CA ASP A 102 3.47 -11.04 -15.54
C ASP A 102 2.99 -9.62 -15.76
N ASP A 103 1.85 -9.27 -15.17
CA ASP A 103 1.32 -7.90 -15.31
C ASP A 103 0.80 -7.54 -13.92
N ARG A 104 1.54 -6.67 -13.23
CA ARG A 104 1.21 -6.23 -11.88
C ARG A 104 -0.18 -5.60 -11.74
N CYS A 105 -0.83 -5.24 -12.85
CA CYS A 105 -2.16 -4.62 -12.84
C CYS A 105 -3.30 -5.55 -13.28
N GLU A 106 -2.96 -6.79 -13.60
CA GLU A 106 -3.96 -7.80 -14.04
C GLU A 106 -4.46 -8.53 -12.78
N GLN A 107 -5.71 -8.23 -12.40
CA GLN A 107 -6.31 -8.81 -11.20
C GLN A 107 -6.73 -10.26 -11.34
N LYS A 108 -5.73 -11.13 -11.50
CA LYS A 108 -5.97 -12.55 -11.67
C LYS A 108 -6.05 -13.22 -10.32
N ASN A 109 -4.97 -13.11 -9.54
CA ASN A 109 -4.95 -13.71 -8.21
C ASN A 109 -4.97 -12.68 -7.07
N PHE A 110 -5.28 -11.43 -7.42
CA PHE A 110 -5.48 -10.36 -6.43
C PHE A 110 -6.66 -9.57 -7.01
N ARG A 111 -7.36 -8.81 -6.16
CA ARG A 111 -8.53 -8.07 -6.63
C ARG A 111 -8.65 -6.79 -5.79
N VAL A 112 -9.06 -5.69 -6.43
CA VAL A 112 -9.22 -4.44 -5.70
C VAL A 112 -10.64 -4.04 -5.97
N ILE A 113 -11.42 -3.88 -4.90
CA ILE A 113 -12.84 -3.55 -5.04
C ILE A 113 -13.18 -2.31 -4.26
N TYR A 114 -13.98 -1.44 -4.89
CA TYR A 114 -14.40 -0.18 -4.27
C TYR A 114 -15.93 -0.12 -4.21
N PHE A 115 -16.47 0.09 -3.01
CA PHE A 115 -17.92 0.21 -2.82
C PHE A 115 -18.13 1.69 -2.50
N GLU A 116 -18.79 2.41 -3.39
CA GLU A 116 -19.01 3.85 -3.19
C GLU A 116 -20.22 4.12 -2.29
N ASN A 117 -21.24 3.29 -2.43
CA ASN A 117 -22.44 3.44 -1.61
C ASN A 117 -22.52 2.24 -0.67
N ILE A 118 -22.54 2.54 0.63
CA ILE A 118 -22.56 1.51 1.67
C ILE A 118 -23.95 1.11 2.14
N VAL A 119 -24.22 -0.20 2.09
CA VAL A 119 -25.51 -0.73 2.52
C VAL A 119 -25.59 -0.72 4.04
N GLU A 120 -26.72 -0.24 4.55
CA GLU A 120 -26.94 -0.14 5.98
C GLU A 120 -27.61 -1.37 6.58
N ASN A 121 -28.50 -1.99 5.82
CA ASN A 121 -29.23 -3.16 6.29
C ASN A 121 -28.37 -4.40 6.56
N ASP A 122 -28.10 -4.61 7.84
CA ASP A 122 -27.31 -5.72 8.33
C ASP A 122 -27.58 -7.09 7.69
N ASP A 123 -28.85 -7.39 7.41
N ASP A 123 -28.85 -7.39 7.41
CA ASP A 123 -29.23 -8.68 6.84
CA ASP A 123 -29.22 -8.68 6.84
C ASP A 123 -28.93 -8.90 5.36
C ASP A 123 -28.93 -8.90 5.36
N GLU A 124 -28.54 -7.83 4.67
CA GLU A 124 -28.22 -7.94 3.25
C GLU A 124 -26.71 -8.02 3.06
N LEU A 125 -25.99 -8.24 4.16
CA LEU A 125 -24.53 -8.31 4.12
C LEU A 125 -24.03 -9.67 4.59
N VAL A 126 -22.91 -10.11 4.03
CA VAL A 126 -22.33 -11.39 4.41
C VAL A 126 -21.70 -11.27 5.79
N SER A 127 -21.97 -12.25 6.66
CA SER A 127 -21.41 -12.26 8.02
C SER A 127 -20.58 -13.51 8.21
N ASP A 128 -20.92 -14.56 7.46
CA ASP A 128 -20.22 -15.84 7.57
C ASP A 128 -19.20 -16.00 6.45
N PHE A 129 -17.91 -15.91 6.81
CA PHE A 129 -16.83 -16.02 5.83
C PHE A 129 -16.05 -17.32 5.96
N SER A 130 -16.66 -18.32 6.60
CA SER A 130 -15.99 -19.61 6.76
C SER A 130 -15.80 -20.32 5.41
N PHE A 131 -16.46 -19.83 4.38
CA PHE A 131 -16.31 -20.41 3.05
C PHE A 131 -14.93 -20.13 2.46
N ILE A 132 -14.22 -19.14 3.01
CA ILE A 132 -12.89 -18.86 2.50
C ILE A 132 -11.98 -19.96 3.04
N GLY A 133 -11.19 -20.56 2.19
CA GLY A 133 -10.35 -21.62 2.66
C GLY A 133 -9.05 -21.23 3.33
N THR A 134 -8.19 -22.22 3.45
CA THR A 134 -6.89 -22.07 4.05
C THR A 134 -5.97 -22.59 2.97
N GLY A 135 -4.95 -21.80 2.63
CA GLY A 135 -4.02 -22.22 1.61
C GLY A 135 -2.93 -23.05 2.26
N GLU A 136 -2.08 -23.67 1.46
CA GLU A 136 -1.00 -24.47 2.01
C GLU A 136 0.05 -23.57 2.65
N CYS A 137 0.18 -22.34 2.17
CA CYS A 137 1.14 -21.38 2.73
C CYS A 137 0.45 -20.39 3.67
N ASP A 138 1.19 -19.87 4.64
CA ASP A 138 0.61 -18.92 5.59
C ASP A 138 0.22 -17.64 4.86
N PHE A 139 -0.87 -17.02 5.30
CA PHE A 139 -1.32 -15.75 4.71
C PHE A 139 -0.27 -14.73 5.19
N PRO A 140 0.01 -13.67 4.39
CA PRO A 140 1.01 -12.67 4.81
C PRO A 140 0.72 -11.99 6.15
N ILE A 141 -0.55 -11.87 6.50
CA ILE A 141 -0.90 -11.29 7.79
C ILE A 141 -1.75 -12.35 8.49
N LEU A 142 -1.26 -12.84 9.62
CA LEU A 142 -1.94 -13.88 10.37
C LEU A 142 -2.88 -13.42 11.48
N SER A 143 -2.99 -12.12 11.68
CA SER A 143 -3.87 -11.62 12.75
C SER A 143 -4.62 -10.34 12.40
N GLU A 144 -5.93 -10.37 12.63
CA GLU A 144 -6.75 -9.20 12.38
C GLU A 144 -6.17 -8.02 13.15
N ALA A 145 -6.17 -6.85 12.53
CA ALA A 145 -5.62 -5.65 13.17
C ALA A 145 -6.42 -4.40 12.90
N ALA A 146 -6.62 -3.62 13.96
CA ALA A 146 -7.35 -2.37 13.87
C ALA A 146 -6.35 -1.32 13.37
N VAL A 147 -6.87 -0.21 12.83
CA VAL A 147 -6.03 0.84 12.26
C VAL A 147 -6.31 2.22 12.85
N GLU A 148 -5.23 2.92 13.18
CA GLU A 148 -5.27 4.27 13.75
C GLU A 148 -4.50 5.20 12.79
N PRO A 149 -5.24 5.95 11.95
CA PRO A 149 -4.63 6.87 10.99
C PRO A 149 -4.12 8.16 11.61
N VAL A 150 -2.97 8.63 11.14
CA VAL A 150 -2.37 9.86 11.62
C VAL A 150 -1.77 10.59 10.41
N LYS A 151 -2.30 11.78 10.11
CA LYS A 151 -1.81 12.54 8.98
C LYS A 151 -0.37 12.95 9.22
N SER A 152 0.45 12.81 8.18
N SER A 152 0.46 12.84 8.18
CA SER A 152 1.86 13.13 8.27
CA SER A 152 1.85 13.21 8.30
C SER A 152 2.35 13.69 6.94
C SER A 152 2.35 13.73 6.96
N SER A 153 3.65 13.96 6.87
CA SER A 153 4.25 14.47 5.64
C SER A 153 5.65 13.89 5.49
N GLU A 154 6.10 13.72 4.25
CA GLU A 154 7.45 13.18 4.05
C GLU A 154 8.04 13.55 2.69
N TRP A 155 9.37 13.67 2.66
CA TRP A 155 10.09 13.99 1.44
C TRP A 155 10.16 12.73 0.58
N VAL A 156 10.44 12.92 -0.69
CA VAL A 156 10.59 11.82 -1.61
C VAL A 156 11.70 10.88 -1.10
N LEU A 157 11.42 9.57 -1.19
CA LEU A 157 12.33 8.52 -0.74
C LEU A 157 13.15 8.00 -1.91
N PRO A 158 14.44 7.67 -1.67
CA PRO A 158 15.31 7.16 -2.74
C PRO A 158 14.90 5.80 -3.30
N THR A 159 14.04 5.10 -2.58
CA THR A 159 13.52 3.80 -3.02
C THR A 159 12.39 4.00 -4.03
N ASP A 160 11.86 5.23 -4.10
CA ASP A 160 10.77 5.54 -5.00
C ASP A 160 11.32 6.11 -6.32
N PHE A 161 10.86 5.56 -7.45
CA PHE A 161 11.36 6.01 -8.75
C PHE A 161 11.21 7.50 -9.00
N GLN A 162 10.38 8.20 -8.23
CA GLN A 162 10.25 9.63 -8.45
C GLN A 162 11.47 10.40 -7.91
N PHE A 163 12.29 9.74 -7.10
CA PHE A 163 13.46 10.42 -6.55
C PHE A 163 14.31 10.98 -7.69
N GLU A 164 14.57 10.13 -8.69
CA GLU A 164 15.37 10.50 -9.86
C GLU A 164 14.77 11.69 -10.64
N GLN A 165 13.45 11.83 -10.57
CA GLN A 165 12.78 12.92 -11.25
C GLN A 165 13.09 14.24 -10.53
N TYR A 166 13.07 14.19 -9.20
CA TYR A 166 13.34 15.39 -8.41
C TYR A 166 14.81 15.82 -8.48
N THR A 167 15.73 14.86 -8.46
CA THR A 167 17.16 15.16 -8.51
C THR A 167 17.71 15.31 -9.94
N GLY A 168 16.93 14.88 -10.91
CA GLY A 168 17.36 14.98 -12.30
C GLY A 168 18.48 14.04 -12.74
N MSE A 169 18.70 12.95 -12.01
CA MSE A 169 19.74 11.99 -12.40
C MSE A 169 19.49 10.63 -11.75
O MSE A 169 18.68 10.52 -10.82
CB MSE A 169 21.11 12.52 -12.01
CG MSE A 169 21.29 12.78 -10.54
SE MSE A 169 22.80 13.95 -10.25
CE MSE A 169 24.20 12.66 -10.08
N GLU A 170 20.18 9.61 -12.25
CA GLU A 170 20.02 8.26 -11.70
C GLU A 170 20.62 8.24 -10.30
N THR A 171 20.07 7.40 -9.42
CA THR A 171 20.57 7.35 -8.05
C THR A 171 22.05 6.96 -7.97
N MSE A 172 22.51 6.12 -8.90
CA MSE A 172 23.91 5.72 -8.87
C MSE A 172 24.77 6.96 -9.00
O MSE A 172 25.72 7.15 -8.24
CB MSE A 172 24.23 4.76 -10.02
CG MSE A 172 25.69 4.36 -10.08
SE MSE A 172 26.08 3.09 -11.45
CE MSE A 172 26.24 4.31 -12.94
N GLU A 173 24.43 7.82 -9.95
CA GLU A 173 25.18 9.03 -10.15
C GLU A 173 24.95 9.98 -8.97
N PHE A 174 23.70 10.10 -8.52
CA PHE A 174 23.39 11.02 -7.42
C PHE A 174 24.08 10.72 -6.10
N PHE A 175 23.99 9.49 -5.61
CA PHE A 175 24.62 9.17 -4.33
C PHE A 175 26.13 8.93 -4.51
N GLY A 176 26.52 8.62 -5.74
CA GLY A 176 27.93 8.39 -6.01
C GLY A 176 28.76 9.64 -5.77
N GLN A 177 28.13 10.81 -5.83
CA GLN A 177 28.87 12.05 -5.64
C GLN A 177 29.29 12.27 -4.18
N PHE A 178 28.75 11.45 -3.27
CA PHE A 178 29.06 11.57 -1.85
C PHE A 178 30.25 10.73 -1.41
N GLY A 179 30.94 10.12 -2.38
CA GLY A 179 32.10 9.30 -2.07
C GLY A 179 31.92 8.24 -1.00
N GLU A 180 32.84 8.22 -0.03
CA GLU A 180 32.80 7.24 1.06
C GLU A 180 31.53 7.29 1.91
N ASP A 181 30.77 8.37 1.79
CA ASP A 181 29.54 8.51 2.58
C ASP A 181 28.28 8.04 1.82
N GLU A 182 28.47 7.62 0.57
CA GLU A 182 27.34 7.16 -0.24
C GLU A 182 26.37 6.19 0.44
N GLU A 183 26.89 5.09 0.98
CA GLU A 183 26.00 4.12 1.60
C GLU A 183 25.29 4.59 2.85
N ASP A 184 26.00 5.31 3.72
CA ASP A 184 25.36 5.77 4.94
C ASP A 184 24.24 6.74 4.59
N ILE A 185 24.49 7.61 3.61
CA ILE A 185 23.50 8.59 3.20
C ILE A 185 22.28 7.91 2.59
N TYR A 186 22.51 7.04 1.62
CA TYR A 186 21.40 6.32 0.99
C TYR A 186 20.58 5.54 2.04
N ASN A 187 21.25 4.76 2.88
CA ASN A 187 20.53 3.99 3.88
C ASN A 187 19.72 4.82 4.87
N GLU A 188 20.27 5.94 5.35
CA GLU A 188 19.52 6.77 6.28
C GLU A 188 18.24 7.27 5.61
N LEU A 189 18.38 7.79 4.39
CA LEU A 189 17.20 8.29 3.68
C LEU A 189 16.16 7.21 3.39
N ALA A 190 16.62 6.05 2.92
CA ALA A 190 15.71 4.96 2.58
C ALA A 190 15.02 4.42 3.83
N GLU A 191 15.75 4.36 4.93
CA GLU A 191 15.19 3.84 6.18
C GLU A 191 14.15 4.74 6.85
N ASN A 192 14.09 6.00 6.45
CA ASN A 192 13.09 6.94 6.97
C ASN A 192 11.70 6.52 6.43
N GLY A 193 11.72 5.60 5.46
CA GLY A 193 10.48 5.12 4.88
C GLY A 193 9.90 3.92 5.60
N PHE A 194 9.36 2.98 4.83
CA PHE A 194 8.74 1.77 5.36
C PHE A 194 7.55 2.02 6.29
N GLY A 195 7.03 0.97 6.93
CA GLY A 195 5.88 1.15 7.77
C GLY A 195 4.62 1.10 6.92
N HIS A 196 3.46 1.13 7.58
CA HIS A 196 2.16 1.07 6.91
C HIS A 196 1.66 2.48 6.63
N LYS A 197 1.12 2.70 5.44
CA LYS A 197 0.62 4.03 5.11
C LYS A 197 -0.32 4.09 3.91
N ILE A 198 -0.99 5.23 3.78
CA ILE A 198 -1.86 5.55 2.64
C ILE A 198 -1.23 6.82 2.09
N GLY A 199 -0.94 6.83 0.79
CA GLY A 199 -0.30 7.98 0.17
C GLY A 199 1.19 8.06 0.47
N GLY A 200 1.81 9.20 0.21
CA GLY A 200 3.23 9.36 0.49
C GLY A 200 4.11 8.77 -0.59
N TYR A 201 5.33 8.40 -0.23
CA TYR A 201 6.26 7.81 -1.17
C TYR A 201 6.50 6.33 -0.85
N ALA A 202 6.93 5.58 -1.87
CA ALA A 202 7.10 4.14 -1.73
C ALA A 202 8.39 3.56 -1.25
N SER A 203 8.30 2.47 -0.51
CA SER A 203 9.48 1.76 -0.04
C SER A 203 9.46 0.35 -0.63
N PHE A 204 10.64 -0.17 -0.93
CA PHE A 204 10.79 -1.52 -1.50
C PHE A 204 12.08 -2.08 -0.93
N THR A 205 12.18 -3.41 -0.81
CA THR A 205 13.42 -4.00 -0.33
C THR A 205 14.25 -4.29 -1.59
N GLN A 206 13.57 -4.41 -2.72
CA GLN A 206 14.27 -4.64 -3.97
C GLN A 206 14.17 -3.38 -4.82
N HIS A 207 13.57 -3.48 -6.00
CA HIS A 207 13.49 -2.31 -6.88
C HIS A 207 12.06 -1.86 -7.21
N ASP A 208 11.86 -0.55 -7.30
CA ASP A 208 10.55 0.01 -7.66
C ASP A 208 10.25 -0.53 -9.07
N PRO A 209 9.09 -1.18 -9.26
CA PRO A 209 8.74 -1.73 -10.59
C PRO A 209 8.14 -0.76 -11.61
N ARG A 210 7.96 0.50 -11.23
CA ARG A 210 7.29 1.45 -12.10
C ARG A 210 7.99 2.23 -13.20
N GLU A 211 9.30 2.40 -13.09
CA GLU A 211 10.02 3.24 -14.05
C GLU A 211 9.59 3.15 -15.52
N TYR A 212 9.59 1.95 -16.08
CA TYR A 212 9.20 1.78 -17.48
C TYR A 212 7.83 1.20 -17.69
N ALA A 213 7.54 0.13 -16.95
CA ALA A 213 6.27 -0.58 -17.10
C ALA A 213 4.99 0.07 -16.59
N TYR A 214 5.10 0.90 -15.55
CA TYR A 214 3.91 1.54 -14.96
C TYR A 214 4.26 2.96 -14.50
N LYS A 215 4.81 3.76 -15.40
CA LYS A 215 5.26 5.10 -15.05
C LYS A 215 4.24 6.13 -14.56
N GLU A 216 2.97 5.92 -14.86
N GLU A 216 2.97 5.89 -14.87
CA GLU A 216 1.94 6.85 -14.41
CA GLU A 216 1.88 6.77 -14.49
C GLU A 216 1.33 6.48 -13.06
C GLU A 216 1.24 6.41 -13.14
N HIS A 217 1.65 5.29 -12.55
CA HIS A 217 1.10 4.85 -11.25
C HIS A 217 1.85 5.54 -10.09
N THR A 218 1.79 6.86 -10.10
CA THR A 218 2.51 7.67 -9.12
C THR A 218 1.84 7.88 -7.78
N ILE A 219 0.62 7.40 -7.62
CA ILE A 219 -0.10 7.56 -6.35
C ILE A 219 -0.14 6.23 -5.61
N MSE A 220 0.35 6.21 -4.38
CA MSE A 220 0.33 4.97 -3.60
C MSE A 220 -0.92 4.95 -2.73
O MSE A 220 -1.12 5.83 -1.86
CB MSE A 220 1.60 4.84 -2.76
CG MSE A 220 1.65 3.53 -1.91
SE MSE A 220 3.46 3.15 -1.32
CE MSE A 220 3.46 4.20 0.31
N LEU A 221 -1.78 3.97 -2.98
CA LEU A 221 -3.02 3.83 -2.23
C LEU A 221 -2.82 3.21 -0.86
N LEU A 222 -1.90 2.26 -0.77
CA LEU A 222 -1.68 1.55 0.48
C LEU A 222 -0.35 0.80 0.46
N GLN A 223 0.31 0.81 1.61
CA GLN A 223 1.57 0.09 1.80
C GLN A 223 1.44 -0.65 3.13
N ILE A 224 1.72 -1.96 3.10
CA ILE A 224 1.69 -2.80 4.31
C ILE A 224 3.07 -3.41 4.47
N ASP A 225 3.74 -3.08 5.57
CA ASP A 225 5.08 -3.58 5.83
C ASP A 225 5.03 -4.82 6.70
N SER A 226 6.14 -5.56 6.77
CA SER A 226 6.22 -6.72 7.65
C SER A 226 6.20 -6.06 9.03
N ASP A 227 5.52 -6.68 10.01
CA ASP A 227 5.39 -6.07 11.33
C ASP A 227 5.01 -7.16 12.34
N ASP A 228 5.94 -7.56 13.18
CA ASP A 228 5.64 -8.60 14.17
C ASP A 228 4.52 -8.26 15.14
N ASP A 229 4.15 -6.99 15.25
CA ASP A 229 3.08 -6.57 16.15
C ASP A 229 1.72 -7.16 15.76
N ILE A 230 1.51 -7.37 14.46
CA ILE A 230 0.25 -7.90 13.96
C ILE A 230 0.49 -9.15 13.13
N ASP A 231 1.64 -9.76 13.34
CA ASP A 231 1.99 -10.98 12.63
C ASP A 231 1.95 -10.79 11.12
N SER A 232 2.50 -9.67 10.66
CA SER A 232 2.57 -9.42 9.23
C SER A 232 3.98 -9.77 8.82
N MSE A 233 4.10 -10.67 7.85
CA MSE A 233 5.42 -11.06 7.38
C MSE A 233 5.35 -11.35 5.91
O MSE A 233 4.75 -12.34 5.50
CB MSE A 233 5.92 -12.30 8.12
CG MSE A 233 7.31 -12.75 7.72
SE MSE A 233 8.66 -11.44 8.19
CE MSE A 233 8.76 -11.84 10.10
N TRP A 234 5.97 -10.49 5.11
CA TRP A 234 6.00 -10.67 3.66
C TRP A 234 7.29 -11.34 3.25
N GLY A 235 7.26 -12.66 3.10
CA GLY A 235 8.46 -13.39 2.71
C GLY A 235 9.52 -13.08 3.76
N ASP A 236 10.71 -12.70 3.31
CA ASP A 236 11.78 -12.38 4.25
C ASP A 236 11.75 -10.91 4.65
N VAL A 237 10.90 -10.56 5.61
CA VAL A 237 10.78 -9.20 6.10
C VAL A 237 10.59 -8.21 4.97
N GLY A 238 9.65 -8.53 4.08
CA GLY A 238 9.37 -7.70 2.92
C GLY A 238 8.29 -6.66 3.13
N ILE A 239 7.81 -6.12 2.02
CA ILE A 239 6.80 -5.05 2.05
C ILE A 239 5.93 -5.07 0.80
N ALA A 240 4.65 -4.76 1.00
CA ALA A 240 3.67 -4.75 -0.09
C ALA A 240 3.09 -3.35 -0.33
N ASN A 241 2.75 -3.03 -1.56
CA ASN A 241 2.11 -1.76 -1.85
C ASN A 241 1.23 -1.78 -3.09
N PHE A 242 0.29 -0.85 -3.14
CA PHE A 242 -0.67 -0.75 -4.26
C PHE A 242 -0.63 0.66 -4.81
N PHE A 243 -0.63 0.80 -6.14
CA PHE A 243 -0.53 2.12 -6.77
C PHE A 243 -1.63 2.35 -7.82
N ILE A 244 -1.91 3.63 -8.10
CA ILE A 244 -2.94 4.00 -9.07
C ILE A 244 -2.49 5.23 -9.82
N THR A 245 -3.05 5.46 -11.01
CA THR A 245 -2.70 6.64 -11.79
C THR A 245 -3.58 7.80 -11.32
N PRO A 246 -3.11 9.04 -11.47
CA PRO A 246 -3.97 10.15 -11.03
C PRO A 246 -5.34 10.13 -11.75
N GLU A 247 -5.33 9.81 -13.04
N GLU A 247 -5.32 9.80 -13.04
CA GLU A 247 -6.56 9.77 -13.83
CA GLU A 247 -6.54 9.76 -13.86
C GLU A 247 -7.58 8.77 -13.28
C GLU A 247 -7.57 8.76 -13.31
N ASP A 248 -7.12 7.55 -13.02
CA ASP A 248 -8.01 6.52 -12.50
C ASP A 248 -8.50 6.84 -11.07
N LEU A 249 -7.68 7.50 -10.25
CA LEU A 249 -8.11 7.84 -8.90
C LEU A 249 -9.24 8.87 -9.00
N ARG A 250 -9.07 9.82 -9.91
N ARG A 250 -9.08 9.84 -9.89
CA ARG A 250 -10.08 10.87 -10.13
CA ARG A 250 -10.11 10.86 -10.07
C ARG A 250 -11.41 10.22 -10.53
C ARG A 250 -11.42 10.20 -10.51
N LYS A 251 -11.34 9.27 -11.45
CA LYS A 251 -12.53 8.56 -11.93
C LYS A 251 -13.00 7.51 -10.93
N LYS A 252 -12.25 7.34 -9.85
CA LYS A 252 -12.61 6.33 -8.85
C LYS A 252 -12.71 4.97 -9.53
N ASP A 253 -11.78 4.73 -10.45
CA ASP A 253 -11.70 3.48 -11.19
C ASP A 253 -10.49 2.71 -10.65
N PHE A 254 -10.73 1.60 -9.96
CA PHE A 254 -9.65 0.83 -9.36
C PHE A 254 -9.35 -0.47 -10.08
N SER A 255 -9.64 -0.51 -11.37
CA SER A 255 -9.44 -1.73 -12.16
C SER A 255 -8.04 -1.85 -12.75
N ASN A 256 -7.22 -0.82 -12.52
CA ASN A 256 -5.85 -0.77 -13.04
C ASN A 256 -4.83 -0.49 -11.94
N VAL A 257 -5.13 -0.96 -10.74
CA VAL A 257 -4.26 -0.80 -9.58
C VAL A 257 -3.08 -1.78 -9.64
N LEU A 258 -1.88 -1.26 -9.40
CA LEU A 258 -0.65 -2.04 -9.42
C LEU A 258 -0.38 -2.64 -8.04
N TYR A 259 -0.32 -3.97 -7.97
CA TYR A 259 -0.02 -4.65 -6.72
C TYR A 259 1.40 -5.19 -6.81
N ASN A 260 2.20 -4.83 -5.80
CA ASN A 260 3.59 -5.28 -5.71
C ASN A 260 3.94 -5.68 -4.29
N TRP A 261 4.90 -6.59 -4.20
CA TRP A 261 5.48 -6.94 -2.91
C TRP A 261 6.84 -7.51 -3.23
N ASP A 262 7.78 -7.34 -2.30
CA ASP A 262 9.10 -7.92 -2.45
C ASP A 262 9.69 -8.14 -1.06
N CYS A 263 10.83 -8.80 -1.00
CA CYS A 263 11.44 -9.06 0.31
C CYS A 263 12.93 -9.28 0.12
N SER A 264 13.65 -9.40 1.23
CA SER A 264 15.09 -9.60 1.17
C SER A 264 15.38 -11.05 0.76
#